data_6BQ6
#
_entry.id   6BQ6
#
_cell.length_a   80.293
_cell.length_b   80.293
_cell.length_c   163.245
_cell.angle_alpha   90.00
_cell.angle_beta   90.00
_cell.angle_gamma   90.00
#
_symmetry.space_group_name_H-M   'P 43 21 2'
#
loop_
_entity.id
_entity.type
_entity.pdbx_description
1 polymer 'Thermospermine synthase'
2 non-polymer 'CHLORIDE ION'
3 non-polymer N-(3-AMINO-PROPYL)-N-(5-AMINOPROPYL)-1,4-DIAMINOBUTANE
4 water water
#
_entity_poly.entity_id   1
_entity_poly.type   'polypeptide(L)'
_entity_poly.pdbx_seq_one_letter_code
;SNAMGEVAYTNGNGNDKSHSPPNGYRKSCWYEEEIEENLRWCFALNSILHTGASQYQDIALLDTKPFGKALVLDGKLQSA
ETDEFIYHECLVHPALLHHPMPKNVFIMGGGEGSTARELLRHKTIDKVVMCDIDEEVVEFCKSYLVVNKEAFHDSRLEVV
INDAKAELEGKEEKYDVIVGDLADPIEGGPCYKLYTKDFYELTLKPKLKKGGIFVTQAGPAGIFSHTEVFSCIYNTLRQV
FKYVVPYSAHIPSYADIWGWVLASDSPLDLSAEELDIRMRQRIIEENRYLDGKTFVSSSTLSKAVRNSLNNETHVYTEGA
ARFIYGHGKNA
;
_entity_poly.pdbx_strand_id   A,B
#
loop_
_chem_comp.id
_chem_comp.type
_chem_comp.name
_chem_comp.formula
CL non-polymer 'CHLORIDE ION' 'Cl -1'
TER non-polymer N-(3-AMINO-PROPYL)-N-(5-AMINOPROPYL)-1,4-DIAMINOBUTANE 'C10 H26 N4'
#
# COMPACT_ATOMS: atom_id res chain seq x y z
N LYS A 27 -3.28 6.21 -26.12
CA LYS A 27 -2.51 7.31 -25.54
C LYS A 27 -3.07 8.72 -25.78
N SER A 28 -4.25 8.85 -26.41
CA SER A 28 -4.72 10.18 -26.85
C SER A 28 -5.27 11.04 -25.73
N CYS A 29 -6.26 10.54 -24.96
CA CYS A 29 -7.08 11.36 -24.11
C CYS A 29 -6.86 11.01 -22.65
N TRP A 30 -6.74 12.04 -21.80
CA TRP A 30 -6.30 11.89 -20.41
C TRP A 30 -7.11 12.72 -19.46
N TYR A 31 -7.38 12.15 -18.28
CA TYR A 31 -7.85 12.90 -17.11
C TYR A 31 -6.65 13.06 -16.19
N GLU A 32 -6.41 14.29 -15.75
CA GLU A 32 -5.24 14.60 -14.94
C GLU A 32 -5.75 15.18 -13.65
N GLU A 33 -5.18 14.74 -12.56
CA GLU A 33 -5.51 15.32 -11.28
C GLU A 33 -4.25 15.56 -10.51
N GLU A 34 -4.18 16.72 -9.84
CA GLU A 34 -2.99 17.04 -9.05
C GLU A 34 -3.39 16.55 -7.65
N ILE A 35 -2.85 15.43 -7.27
CA ILE A 35 -3.27 14.81 -6.02
C ILE A 35 -2.61 15.52 -4.82
N GLU A 36 -1.45 16.12 -5.07
CA GLU A 36 -0.85 17.20 -4.25
C GLU A 36 -0.21 18.26 -5.15
N GLU A 37 0.28 19.39 -4.59
CA GLU A 37 0.85 20.46 -5.45
C GLU A 37 1.93 19.98 -6.45
N ASN A 38 2.75 19.02 -6.06
CA ASN A 38 3.84 18.59 -6.91
C ASN A 38 3.74 17.17 -7.45
N LEU A 39 2.54 16.63 -7.43
CA LEU A 39 2.32 15.29 -7.86
C LEU A 39 1.06 15.16 -8.67
N ARG A 40 1.20 14.70 -9.89
CA ARG A 40 0.04 14.53 -10.78
C ARG A 40 -0.17 13.10 -11.17
N TRP A 41 -1.44 12.70 -11.18
CA TRP A 41 -1.88 11.34 -11.49
C TRP A 41 -2.77 11.45 -12.73
N CYS A 42 -2.47 10.71 -13.80
CA CYS A 42 -3.26 10.86 -15.02
C CYS A 42 -3.71 9.49 -15.49
N PHE A 43 -4.98 9.43 -15.84
CA PHE A 43 -5.62 8.21 -16.38
C PHE A 43 -6.03 8.40 -17.84
N ALA A 44 -5.72 7.44 -18.68
CA ALA A 44 -6.25 7.44 -20.04
C ALA A 44 -7.78 7.26 -20.04
N LEU A 45 -8.44 7.94 -20.96
CA LEU A 45 -9.86 7.97 -21.07
C LEU A 45 -10.39 7.21 -22.29
N ASN A 46 -11.51 6.52 -22.06
CA ASN A 46 -12.39 6.02 -23.13
C ASN A 46 -13.42 7.02 -23.49
N SER A 47 -14.06 7.63 -22.50
CA SER A 47 -15.09 8.65 -22.75
C SER A 47 -15.39 9.45 -21.55
N ILE A 48 -16.14 10.52 -21.79
CA ILE A 48 -16.66 11.36 -20.75
C ILE A 48 -18.16 11.07 -20.77
N LEU A 49 -18.64 10.25 -19.82
CA LEU A 49 -19.94 9.56 -19.92
C LEU A 49 -21.11 10.44 -19.62
N HIS A 50 -21.03 11.09 -18.48
CA HIS A 50 -22.08 11.99 -18.04
C HIS A 50 -21.45 13.13 -17.29
N THR A 51 -22.09 14.29 -17.42
CA THR A 51 -21.73 15.45 -16.65
C THR A 51 -22.99 16.00 -15.98
N GLY A 52 -22.72 16.82 -14.97
CA GLY A 52 -23.75 17.46 -14.19
C GLY A 52 -23.11 18.60 -13.43
N ALA A 53 -23.94 19.41 -12.80
CA ALA A 53 -23.50 20.21 -11.70
C ALA A 53 -24.69 20.41 -10.77
N SER A 54 -24.34 20.68 -9.52
CA SER A 54 -25.25 21.18 -8.53
C SER A 54 -24.81 22.60 -8.31
N GLN A 55 -25.48 23.31 -7.41
CA GLN A 55 -24.94 24.56 -6.87
C GLN A 55 -23.61 24.33 -6.17
N TYR A 56 -23.45 23.17 -5.51
CA TYR A 56 -22.28 22.87 -4.69
C TYR A 56 -21.00 22.50 -5.51
N GLN A 57 -21.12 21.85 -6.67
CA GLN A 57 -19.92 21.24 -7.31
C GLN A 57 -20.19 20.65 -8.69
N ASP A 58 -19.17 20.65 -9.55
CA ASP A 58 -19.26 20.05 -10.88
C ASP A 58 -19.12 18.53 -10.75
N ILE A 59 -19.90 17.79 -11.53
CA ILE A 59 -20.01 16.34 -11.41
C ILE A 59 -19.70 15.74 -12.76
N ALA A 60 -18.83 14.73 -12.77
CA ALA A 60 -18.45 14.05 -14.02
C ALA A 60 -18.29 12.55 -13.76
N LEU A 61 -18.80 11.75 -14.68
CA LEU A 61 -18.55 10.31 -14.74
C LEU A 61 -17.70 10.02 -15.97
N LEU A 62 -16.45 9.63 -15.74
CA LEU A 62 -15.51 9.36 -16.80
C LEU A 62 -15.39 7.90 -16.99
N ASP A 63 -15.20 7.45 -18.20
CA ASP A 63 -14.94 6.05 -18.43
C ASP A 63 -13.44 5.99 -18.68
N THR A 64 -12.71 5.50 -17.70
CA THR A 64 -11.27 5.48 -17.71
C THR A 64 -10.74 4.10 -18.08
N LYS A 65 -9.59 4.11 -18.75
CA LYS A 65 -8.99 2.87 -19.18
C LYS A 65 -8.50 2.10 -17.99
N PRO A 66 -7.70 2.72 -17.07
CA PRO A 66 -7.15 1.86 -16.00
C PRO A 66 -8.15 1.44 -14.90
N PHE A 67 -9.14 2.27 -14.60
CA PHE A 67 -9.96 2.05 -13.41
C PHE A 67 -11.48 2.01 -13.69
N GLY A 68 -11.86 1.91 -14.95
CA GLY A 68 -13.27 1.97 -15.28
C GLY A 68 -13.95 3.28 -15.00
N LYS A 69 -15.25 3.22 -14.71
CA LYS A 69 -16.05 4.39 -14.53
C LYS A 69 -15.61 5.09 -13.26
N ALA A 70 -15.32 6.37 -13.40
CA ALA A 70 -14.78 7.17 -12.30
C ALA A 70 -15.67 8.37 -12.07
N LEU A 71 -16.11 8.50 -10.80
CA LEU A 71 -16.86 9.69 -10.38
C LEU A 71 -15.91 10.79 -9.92
N VAL A 72 -16.01 11.96 -10.53
CA VAL A 72 -15.12 13.09 -10.26
C VAL A 72 -15.99 14.27 -9.80
N LEU A 73 -15.64 14.82 -8.64
CA LEU A 73 -16.40 15.95 -8.08
C LEU A 73 -15.45 17.13 -7.94
N ASP A 74 -15.77 18.21 -8.65
CA ASP A 74 -14.93 19.40 -8.73
C ASP A 74 -13.49 19.04 -9.03
N GLY A 75 -13.31 18.16 -10.01
CA GLY A 75 -11.98 17.75 -10.45
C GLY A 75 -11.19 16.87 -9.47
N LYS A 76 -11.86 16.25 -8.52
CA LYS A 76 -11.21 15.35 -7.59
C LYS A 76 -11.91 13.99 -7.73
N LEU A 77 -11.13 12.95 -8.01
CA LEU A 77 -11.68 11.61 -8.04
C LEU A 77 -12.29 11.22 -6.68
N GLN A 78 -13.49 10.66 -6.71
CA GLN A 78 -14.19 10.19 -5.53
C GLN A 78 -14.08 8.69 -5.41
N SER A 79 -14.41 7.99 -6.49
CA SER A 79 -14.40 6.55 -6.51
C SER A 79 -14.26 6.11 -7.95
N ALA A 80 -13.65 4.95 -8.12
CA ALA A 80 -13.48 4.30 -9.40
C ALA A 80 -14.07 2.90 -9.37
N GLU A 81 -14.57 2.49 -10.50
CA GLU A 81 -15.30 1.26 -10.60
C GLU A 81 -14.49 0.05 -10.17
N THR A 82 -13.24 0.00 -10.58
CA THR A 82 -12.43 -1.24 -10.37
C THR A 82 -12.07 -1.48 -8.91
N ASP A 83 -11.98 -0.42 -8.13
CA ASP A 83 -11.52 -0.57 -6.74
C ASP A 83 -12.33 0.11 -5.66
N GLU A 84 -13.50 0.69 -5.97
CA GLU A 84 -14.26 1.25 -4.92
C GLU A 84 -14.69 0.21 -3.91
N PHE A 85 -14.83 -1.06 -4.32
CA PHE A 85 -15.19 -2.11 -3.36
C PHE A 85 -14.22 -2.17 -2.17
N ILE A 86 -12.95 -1.89 -2.41
CA ILE A 86 -11.95 -1.91 -1.33
C ILE A 86 -12.31 -0.83 -0.33
N TYR A 87 -12.52 0.40 -0.82
CA TYR A 87 -12.82 1.49 0.09
C TYR A 87 -14.10 1.22 0.88
N HIS A 88 -15.13 0.81 0.18
CA HIS A 88 -16.43 0.65 0.83
C HIS A 88 -16.51 -0.56 1.73
N GLU A 89 -15.85 -1.65 1.35
CA GLU A 89 -15.77 -2.78 2.28
C GLU A 89 -14.97 -2.42 3.56
N CYS A 90 -13.81 -1.78 3.39
CA CYS A 90 -13.04 -1.32 4.53
C CYS A 90 -13.75 -0.29 5.40
N LEU A 91 -14.47 0.63 4.79
CA LEU A 91 -15.22 1.65 5.54
C LEU A 91 -16.28 1.01 6.42
N VAL A 92 -16.98 -0.01 5.92
CA VAL A 92 -18.23 -0.46 6.53
C VAL A 92 -18.13 -1.73 7.37
N HIS A 93 -17.52 -2.79 6.81
CA HIS A 93 -17.63 -4.07 7.48
C HIS A 93 -16.95 -4.20 8.85
N PRO A 94 -15.73 -3.65 9.04
CA PRO A 94 -15.15 -3.85 10.36
C PRO A 94 -16.01 -3.29 11.48
N ALA A 95 -16.61 -2.12 11.30
CA ALA A 95 -17.43 -1.51 12.37
C ALA A 95 -18.61 -2.37 12.72
N LEU A 96 -19.30 -2.87 11.70
CA LEU A 96 -20.49 -3.66 11.95
C LEU A 96 -20.15 -5.01 12.53
N LEU A 97 -19.05 -5.61 12.05
CA LEU A 97 -18.67 -6.89 12.53
C LEU A 97 -18.23 -6.91 14.01
N HIS A 98 -17.66 -5.81 14.47
CA HIS A 98 -17.30 -5.69 15.85
C HIS A 98 -18.49 -5.41 16.77
N HIS A 99 -19.66 -5.08 16.22
CA HIS A 99 -20.87 -4.83 17.02
C HIS A 99 -21.59 -6.17 17.22
N PRO A 100 -22.16 -6.41 18.40
CA PRO A 100 -22.83 -7.71 18.59
C PRO A 100 -24.08 -7.90 17.75
N MET A 101 -24.81 -6.82 17.45
CA MET A 101 -26.03 -6.89 16.66
C MET A 101 -26.47 -5.51 16.14
N PRO A 102 -25.83 -5.06 15.06
CA PRO A 102 -26.09 -3.69 14.57
C PRO A 102 -27.34 -3.68 13.74
N LYS A 103 -28.31 -2.86 14.17
CA LYS A 103 -29.58 -2.77 13.47
C LYS A 103 -29.82 -1.47 12.69
N ASN A 104 -29.40 -0.33 13.21
CA ASN A 104 -29.57 0.90 12.49
C ASN A 104 -28.23 1.64 12.40
N VAL A 105 -28.06 2.32 11.27
N VAL A 105 -28.05 2.34 11.28
CA VAL A 105 -26.83 3.00 10.93
CA VAL A 105 -26.80 3.00 10.97
C VAL A 105 -27.15 4.32 10.27
C VAL A 105 -27.09 4.28 10.23
N PHE A 106 -26.39 5.35 10.63
CA PHE A 106 -26.46 6.64 10.03
C PHE A 106 -25.16 6.92 9.29
N ILE A 107 -25.26 7.31 8.04
CA ILE A 107 -24.09 7.69 7.23
C ILE A 107 -24.02 9.20 7.11
N MET A 108 -22.92 9.77 7.57
CA MET A 108 -22.66 11.18 7.35
C MET A 108 -21.97 11.26 6.00
N GLY A 109 -22.67 11.80 5.02
CA GLY A 109 -22.18 11.86 3.65
C GLY A 109 -22.61 10.69 2.83
N GLY A 110 -21.66 9.96 2.27
CA GLY A 110 -22.00 8.90 1.34
C GLY A 110 -22.37 9.56 0.01
N GLY A 111 -23.56 9.30 -0.46
CA GLY A 111 -24.10 9.94 -1.66
C GLY A 111 -24.08 9.06 -2.87
N GLU A 112 -23.01 8.28 -3.02
CA GLU A 112 -22.84 7.44 -4.19
C GLU A 112 -23.69 6.21 -4.15
N GLY A 113 -24.09 5.79 -2.95
CA GLY A 113 -24.87 4.57 -2.79
C GLY A 113 -24.05 3.36 -2.38
N SER A 114 -22.72 3.44 -2.50
CA SER A 114 -21.81 2.35 -2.21
C SER A 114 -21.63 2.01 -0.75
N THR A 115 -21.59 3.03 0.11
CA THR A 115 -21.55 2.76 1.57
C THR A 115 -22.86 2.11 2.01
N ALA A 116 -23.99 2.66 1.55
CA ALA A 116 -25.29 2.07 1.83
C ALA A 116 -25.34 0.65 1.29
N ARG A 117 -24.85 0.44 0.08
CA ARG A 117 -24.82 -0.91 -0.52
C ARG A 117 -24.15 -1.95 0.40
N GLU A 118 -22.96 -1.61 0.92
CA GLU A 118 -22.27 -2.53 1.78
C GLU A 118 -22.95 -2.76 3.12
N LEU A 119 -23.53 -1.70 3.70
CA LEU A 119 -24.28 -1.82 4.93
C LEU A 119 -25.50 -2.73 4.77
N LEU A 120 -26.16 -2.59 3.62
CA LEU A 120 -27.40 -3.34 3.33
C LEU A 120 -27.12 -4.80 3.12
N ARG A 121 -25.86 -5.18 2.90
CA ARG A 121 -25.52 -6.63 2.90
C ARG A 121 -25.59 -7.32 4.27
N HIS A 122 -25.62 -6.55 5.35
CA HIS A 122 -25.69 -7.17 6.64
C HIS A 122 -27.10 -7.59 6.96
N LYS A 123 -27.23 -8.83 7.41
CA LYS A 123 -28.54 -9.44 7.71
C LYS A 123 -29.19 -8.87 8.97
N THR A 124 -28.44 -8.19 9.82
CA THR A 124 -28.93 -7.66 11.07
C THR A 124 -29.51 -6.27 10.88
N ILE A 125 -29.16 -5.64 9.76
CA ILE A 125 -29.49 -4.21 9.56
C ILE A 125 -30.94 -4.07 9.12
N ASP A 126 -31.69 -3.18 9.79
CA ASP A 126 -33.07 -2.86 9.39
C ASP A 126 -33.33 -1.40 9.00
N LYS A 127 -32.34 -0.55 9.15
CA LYS A 127 -32.45 0.84 8.76
C LYS A 127 -31.07 1.42 8.46
N VAL A 128 -30.98 2.06 7.29
CA VAL A 128 -29.80 2.84 6.91
C VAL A 128 -30.26 4.24 6.56
N VAL A 129 -29.74 5.25 7.23
CA VAL A 129 -29.95 6.63 6.81
C VAL A 129 -28.68 7.16 6.13
N MET A 130 -28.84 7.71 4.92
CA MET A 130 -27.74 8.36 4.17
C MET A 130 -28.02 9.84 4.16
N CYS A 131 -27.17 10.60 4.85
CA CYS A 131 -27.41 12.03 5.02
C CYS A 131 -26.29 12.83 4.31
N ASP A 132 -26.64 13.42 3.17
N ASP A 132 -26.64 13.37 3.15
CA ASP A 132 -25.67 14.15 2.35
CA ASP A 132 -25.70 14.18 2.37
C ASP A 132 -26.34 15.43 1.89
C ASP A 132 -26.36 15.48 1.98
N ILE A 133 -25.56 16.51 1.81
CA ILE A 133 -26.06 17.86 1.56
C ILE A 133 -26.50 18.07 0.08
N ASP A 134 -25.94 17.29 -0.84
CA ASP A 134 -26.06 17.55 -2.28
C ASP A 134 -26.94 16.54 -3.00
N GLU A 135 -28.22 16.89 -3.14
CA GLU A 135 -29.21 15.98 -3.73
C GLU A 135 -28.92 15.62 -5.17
N GLU A 136 -28.30 16.52 -5.92
CA GLU A 136 -28.01 16.25 -7.35
C GLU A 136 -26.92 15.20 -7.53
N VAL A 137 -25.94 15.20 -6.66
CA VAL A 137 -24.95 14.10 -6.65
C VAL A 137 -25.64 12.79 -6.36
N VAL A 138 -26.55 12.74 -5.37
CA VAL A 138 -27.23 11.50 -5.04
C VAL A 138 -28.06 11.04 -6.25
N GLU A 139 -28.80 11.98 -6.85
CA GLU A 139 -29.61 11.67 -8.03
C GLU A 139 -28.76 11.23 -9.19
N PHE A 140 -27.65 11.92 -9.40
CA PHE A 140 -26.67 11.52 -10.44
C PHE A 140 -26.22 10.08 -10.21
N CYS A 141 -25.79 9.78 -8.98
CA CYS A 141 -25.34 8.41 -8.72
C CYS A 141 -26.45 7.38 -8.80
N LYS A 142 -27.66 7.70 -8.36
CA LYS A 142 -28.74 6.73 -8.47
C LYS A 142 -29.05 6.41 -9.95
N SER A 143 -28.96 7.42 -10.81
CA SER A 143 -29.07 7.24 -12.27
C SER A 143 -27.94 6.40 -12.88
N TYR A 144 -26.70 6.75 -12.53
CA TYR A 144 -25.57 6.28 -13.32
C TYR A 144 -24.62 5.29 -12.66
N LEU A 145 -24.68 5.11 -11.34
CA LEU A 145 -23.85 4.05 -10.71
C LEU A 145 -24.67 2.79 -10.57
N VAL A 146 -24.69 2.06 -11.69
CA VAL A 146 -25.38 0.80 -11.88
C VAL A 146 -25.23 -0.17 -10.72
N VAL A 147 -24.02 -0.23 -10.17
CA VAL A 147 -23.69 -1.14 -9.08
C VAL A 147 -24.60 -0.95 -7.85
N ASN A 148 -25.11 0.26 -7.64
CA ASN A 148 -25.90 0.59 -6.45
C ASN A 148 -27.42 0.69 -6.67
N LYS A 149 -27.91 0.13 -7.78
CA LYS A 149 -29.35 0.21 -8.07
C LYS A 149 -30.17 -0.55 -7.03
N GLU A 150 -29.78 -1.77 -6.69
CA GLU A 150 -30.43 -2.55 -5.66
C GLU A 150 -30.41 -1.83 -4.30
N ALA A 151 -29.26 -1.28 -3.92
CA ALA A 151 -29.16 -0.53 -2.67
C ALA A 151 -30.11 0.66 -2.61
N PHE A 152 -30.13 1.44 -3.68
CA PHE A 152 -30.99 2.64 -3.69
C PHE A 152 -32.47 2.24 -3.66
N HIS A 153 -32.80 1.01 -4.07
CA HIS A 153 -34.23 0.54 -4.02
C HIS A 153 -34.60 -0.25 -2.77
N ASP A 154 -33.66 -0.45 -1.84
CA ASP A 154 -33.93 -1.29 -0.69
C ASP A 154 -34.82 -0.48 0.26
N SER A 155 -35.90 -1.11 0.72
CA SER A 155 -36.84 -0.49 1.64
C SER A 155 -36.23 -0.02 2.95
N ARG A 156 -35.07 -0.55 3.34
CA ARG A 156 -34.39 -0.10 4.57
C ARG A 156 -33.64 1.21 4.46
N LEU A 157 -33.47 1.74 3.27
CA LEU A 157 -32.66 2.93 3.06
C LEU A 157 -33.52 4.18 3.08
N GLU A 158 -33.13 5.19 3.83
CA GLU A 158 -33.76 6.50 3.76
C GLU A 158 -32.64 7.48 3.35
N VAL A 159 -32.93 8.32 2.35
CA VAL A 159 -31.99 9.35 1.91
C VAL A 159 -32.45 10.70 2.43
N VAL A 160 -31.61 11.33 3.22
CA VAL A 160 -31.90 12.60 3.82
C VAL A 160 -30.97 13.62 3.19
N ILE A 161 -31.55 14.72 2.74
CA ILE A 161 -30.75 15.79 2.16
C ILE A 161 -30.57 16.86 3.21
N ASN A 162 -29.43 16.87 3.88
CA ASN A 162 -29.17 17.82 4.97
C ASN A 162 -27.69 17.78 5.32
N ASP A 163 -27.21 18.79 6.05
CA ASP A 163 -25.92 18.75 6.73
C ASP A 163 -26.06 17.72 7.85
N ALA A 164 -25.08 16.83 7.95
CA ALA A 164 -25.16 15.76 8.91
C ALA A 164 -25.21 16.25 10.36
N LYS A 165 -24.51 17.32 10.67
CA LYS A 165 -24.56 17.86 12.05
C LYS A 165 -25.97 18.31 12.41
N ALA A 166 -26.57 19.11 11.54
CA ALA A 166 -27.96 19.58 11.71
C ALA A 166 -28.90 18.39 11.82
N GLU A 167 -28.67 17.35 11.02
CA GLU A 167 -29.56 16.21 11.04
C GLU A 167 -29.43 15.38 12.30
N LEU A 168 -28.20 15.15 12.76
CA LEU A 168 -28.01 14.44 14.04
C LEU A 168 -28.62 15.22 15.22
N GLU A 169 -28.33 16.52 15.25
CA GLU A 169 -28.87 17.42 16.30
C GLU A 169 -30.39 17.49 16.37
N GLY A 170 -31.04 17.45 15.22
CA GLY A 170 -32.49 17.65 15.11
C GLY A 170 -33.40 16.44 15.27
N LYS A 171 -32.86 15.24 15.45
CA LYS A 171 -33.69 14.05 15.63
C LYS A 171 -33.19 13.34 16.88
N GLU A 172 -34.10 12.69 17.60
CA GLU A 172 -33.70 11.99 18.84
C GLU A 172 -33.21 10.54 18.59
N GLU A 173 -33.43 9.97 17.40
CA GLU A 173 -33.07 8.57 17.18
C GLU A 173 -31.57 8.38 17.46
N LYS A 174 -31.19 7.29 18.12
CA LYS A 174 -29.78 6.91 18.27
C LYS A 174 -29.49 5.70 17.40
N TYR A 175 -28.20 5.45 17.14
CA TYR A 175 -27.82 4.46 16.12
C TYR A 175 -26.84 3.50 16.72
N ASP A 176 -26.84 2.26 16.25
CA ASP A 176 -25.81 1.30 16.63
C ASP A 176 -24.44 1.59 16.05
N VAL A 177 -24.44 2.12 14.83
CA VAL A 177 -23.23 2.46 14.11
C VAL A 177 -23.46 3.79 13.42
N ILE A 178 -22.47 4.68 13.47
CA ILE A 178 -22.46 5.89 12.66
C ILE A 178 -21.22 5.84 11.78
N VAL A 179 -21.39 6.17 10.52
CA VAL A 179 -20.32 6.04 9.52
C VAL A 179 -20.02 7.42 8.95
N GLY A 180 -18.78 7.85 9.13
CA GLY A 180 -18.30 9.08 8.53
C GLY A 180 -17.80 8.81 7.13
N ASP A 181 -18.53 9.27 6.11
CA ASP A 181 -18.13 9.13 4.71
C ASP A 181 -18.16 10.52 4.02
N LEU A 182 -17.49 11.47 4.66
CA LEU A 182 -17.48 12.86 4.26
C LEU A 182 -16.12 13.14 3.60
N ALA A 183 -15.99 14.33 3.00
CA ALA A 183 -14.68 14.83 2.53
C ALA A 183 -13.70 14.97 3.68
N ASP A 184 -12.40 14.90 3.37
CA ASP A 184 -11.33 15.14 4.33
C ASP A 184 -11.50 16.52 4.97
N PRO A 185 -11.11 16.66 6.25
CA PRO A 185 -11.37 17.91 7.00
C PRO A 185 -10.61 19.14 6.53
N ILE A 186 -9.32 19.01 6.26
CA ILE A 186 -8.47 20.16 5.93
C ILE A 186 -8.82 20.78 4.55
N GLU A 187 -9.44 20.01 3.65
CA GLU A 187 -9.78 20.48 2.29
C GLU A 187 -10.73 21.68 2.19
N GLY A 188 -11.52 21.97 3.23
CA GLY A 188 -12.43 23.12 3.22
C GLY A 188 -13.07 23.38 4.58
N GLY A 189 -14.24 24.01 4.56
CA GLY A 189 -15.03 24.30 5.77
C GLY A 189 -16.17 23.37 6.15
N PRO A 190 -17.06 23.02 5.19
CA PRO A 190 -18.32 22.38 5.62
C PRO A 190 -18.12 21.08 6.44
N CYS A 191 -17.24 20.22 5.94
CA CYS A 191 -16.96 18.93 6.56
C CYS A 191 -16.07 19.03 7.78
N TYR A 192 -15.16 20.00 7.81
CA TYR A 192 -14.23 20.15 8.93
C TYR A 192 -14.88 20.06 10.32
N LYS A 193 -16.03 20.70 10.47
CA LYS A 193 -16.72 20.67 11.76
C LYS A 193 -17.11 19.27 12.18
N LEU A 194 -17.24 18.35 11.21
CA LEU A 194 -17.65 16.99 11.51
C LEU A 194 -16.49 16.08 11.93
N TYR A 195 -15.31 16.66 12.19
CA TYR A 195 -14.13 15.96 12.71
C TYR A 195 -13.60 16.53 14.03
N THR A 196 -14.31 17.47 14.64
CA THR A 196 -13.78 18.13 15.83
C THR A 196 -14.06 17.37 17.11
N LYS A 197 -13.21 17.57 18.10
CA LYS A 197 -13.39 16.95 19.40
C LYS A 197 -14.78 17.33 19.93
N ASP A 198 -15.15 18.61 19.81
CA ASP A 198 -16.46 19.04 20.33
C ASP A 198 -17.66 18.40 19.60
N PHE A 199 -17.57 18.25 18.27
CA PHE A 199 -18.59 17.49 17.54
C PHE A 199 -18.72 16.05 18.02
N TYR A 200 -17.59 15.36 18.09
CA TYR A 200 -17.62 13.99 18.56
C TYR A 200 -18.23 13.86 19.95
N GLU A 201 -17.74 14.69 20.88
CA GLU A 201 -18.16 14.62 22.30
C GLU A 201 -19.59 14.96 22.52
N LEU A 202 -20.03 16.06 21.94
CA LEU A 202 -21.35 16.63 22.26
C LEU A 202 -22.46 16.42 21.26
N THR A 203 -22.14 16.02 20.04
CA THR A 203 -23.20 15.72 19.05
C THR A 203 -23.25 14.26 18.66
N LEU A 204 -22.08 13.69 18.36
CA LEU A 204 -22.05 12.34 17.78
C LEU A 204 -22.28 11.25 18.84
N LYS A 205 -21.51 11.25 19.92
CA LYS A 205 -21.75 10.26 21.02
C LYS A 205 -23.17 10.20 21.58
N PRO A 206 -23.79 11.36 21.86
CA PRO A 206 -25.16 11.26 22.33
C PRO A 206 -26.11 10.56 21.36
N LYS A 207 -25.73 10.41 20.09
CA LYS A 207 -26.55 9.73 19.11
C LYS A 207 -26.16 8.27 18.91
N LEU A 208 -25.12 7.80 19.61
CA LEU A 208 -24.75 6.38 19.59
C LEU A 208 -25.48 5.68 20.70
N LYS A 209 -26.09 4.55 20.40
CA LYS A 209 -26.62 3.68 21.42
C LYS A 209 -25.51 3.14 22.30
N LYS A 210 -25.90 2.70 23.50
CA LYS A 210 -25.03 1.91 24.34
C LYS A 210 -24.36 0.83 23.51
N GLY A 211 -23.04 0.77 23.55
CA GLY A 211 -22.30 -0.23 22.78
C GLY A 211 -22.05 0.09 21.31
N GLY A 212 -22.38 1.34 20.95
CA GLY A 212 -22.34 1.79 19.58
C GLY A 212 -20.91 1.90 19.09
N ILE A 213 -20.73 1.87 17.78
CA ILE A 213 -19.41 1.99 17.17
C ILE A 213 -19.49 3.12 16.16
N PHE A 214 -18.46 3.99 16.15
CA PHE A 214 -18.28 5.01 15.12
C PHE A 214 -17.12 4.58 14.23
N VAL A 215 -17.22 4.83 12.93
CA VAL A 215 -16.13 4.68 12.01
C VAL A 215 -16.11 5.92 11.11
N THR A 216 -14.95 6.44 10.81
CA THR A 216 -14.83 7.48 9.78
C THR A 216 -13.73 7.16 8.82
N GLN A 217 -13.92 7.52 7.55
CA GLN A 217 -12.82 7.59 6.63
C GLN A 217 -11.89 8.69 7.16
N ALA A 218 -10.59 8.49 7.02
CA ALA A 218 -9.62 9.37 7.72
C ALA A 218 -8.48 9.78 6.80
N GLY A 219 -8.78 9.88 5.51
CA GLY A 219 -7.89 10.45 4.51
C GLY A 219 -6.72 9.58 4.17
N PRO A 220 -5.74 10.17 3.48
CA PRO A 220 -4.52 9.42 3.11
C PRO A 220 -3.82 8.89 4.31
N ALA A 221 -3.25 7.69 4.18
CA ALA A 221 -2.57 7.03 5.30
C ALA A 221 -1.23 6.44 4.88
N GLY A 222 -0.59 7.13 3.92
CA GLY A 222 0.76 6.80 3.44
C GLY A 222 1.81 7.10 4.49
N ILE A 223 2.98 6.53 4.26
CA ILE A 223 4.07 6.69 5.23
C ILE A 223 4.36 8.18 5.56
N PHE A 224 4.27 9.06 4.58
CA PHE A 224 4.34 10.51 4.84
C PHE A 224 3.00 11.22 4.75
N SER A 225 2.11 10.77 3.85
CA SER A 225 0.84 11.46 3.67
C SER A 225 -0.08 11.35 4.85
N HIS A 226 0.12 10.37 5.72
CA HIS A 226 -0.74 10.21 6.87
C HIS A 226 -0.79 11.36 7.87
N THR A 227 0.21 12.23 7.87
CA THR A 227 0.24 13.31 8.83
C THR A 227 -0.69 14.46 8.50
N GLU A 228 -1.24 14.50 7.29
CA GLU A 228 -2.05 15.63 6.86
C GLU A 228 -3.31 15.63 7.68
N VAL A 229 -4.00 14.49 7.72
CA VAL A 229 -5.26 14.38 8.50
C VAL A 229 -5.45 13.09 9.27
N PHE A 230 -4.93 11.98 8.79
CA PHE A 230 -5.15 10.67 9.45
C PHE A 230 -4.68 10.66 10.87
N SER A 231 -3.46 11.14 11.11
CA SER A 231 -2.95 11.19 12.46
C SER A 231 -3.79 12.12 13.32
N CYS A 232 -4.25 13.22 12.76
CA CYS A 232 -5.06 14.18 13.56
C CYS A 232 -6.47 13.65 13.91
N ILE A 233 -7.07 12.97 12.96
CA ILE A 233 -8.36 12.32 13.20
C ILE A 233 -8.25 11.23 14.27
N TYR A 234 -7.20 10.39 14.16
CA TYR A 234 -6.93 9.42 15.16
C TYR A 234 -6.78 10.03 16.54
N ASN A 235 -5.90 11.02 16.64
CA ASN A 235 -5.70 11.66 17.94
C ASN A 235 -6.90 12.38 18.48
N THR A 236 -7.69 12.95 17.60
CA THR A 236 -8.92 13.62 18.03
C THR A 236 -9.89 12.59 18.60
N LEU A 237 -10.10 11.47 17.89
CA LEU A 237 -10.97 10.43 18.43
C LEU A 237 -10.48 9.84 19.77
N ARG A 238 -9.16 9.73 19.93
CA ARG A 238 -8.55 9.26 21.17
C ARG A 238 -8.92 10.12 22.38
N GLN A 239 -9.29 11.36 22.16
CA GLN A 239 -9.67 12.27 23.24
C GLN A 239 -11.08 12.01 23.74
N VAL A 240 -11.87 11.33 22.92
CA VAL A 240 -13.28 11.17 23.10
C VAL A 240 -13.73 9.75 23.40
N PHE A 241 -13.18 8.75 22.72
CA PHE A 241 -13.66 7.37 22.91
C PHE A 241 -12.61 6.58 23.65
N LYS A 242 -13.07 5.56 24.40
CA LYS A 242 -12.17 4.75 25.17
C LYS A 242 -11.28 3.88 24.26
N TYR A 243 -11.86 3.33 23.20
CA TYR A 243 -11.12 2.44 22.28
C TYR A 243 -11.14 2.99 20.86
N VAL A 244 -9.97 3.07 20.25
CA VAL A 244 -9.79 3.62 18.91
C VAL A 244 -8.83 2.69 18.13
N VAL A 245 -9.25 2.25 16.95
CA VAL A 245 -8.49 1.38 16.10
C VAL A 245 -8.37 2.01 14.70
N PRO A 246 -7.19 2.56 14.36
CA PRO A 246 -6.88 3.00 13.01
C PRO A 246 -6.45 1.85 12.15
N TYR A 247 -6.81 1.94 10.87
CA TYR A 247 -6.44 0.92 9.95
C TYR A 247 -6.40 1.47 8.54
N SER A 248 -5.76 0.76 7.63
CA SER A 248 -5.54 1.34 6.33
C SER A 248 -5.40 0.26 5.25
N ALA A 249 -5.55 0.69 3.99
CA ALA A 249 -5.45 -0.19 2.88
C ALA A 249 -5.16 0.60 1.59
N HIS A 250 -4.46 -0.04 0.65
CA HIS A 250 -4.20 0.59 -0.64
C HIS A 250 -5.43 0.62 -1.52
N ILE A 251 -5.72 1.78 -2.08
CA ILE A 251 -6.74 1.90 -3.13
C ILE A 251 -6.00 2.42 -4.37
N PRO A 252 -5.82 1.59 -5.39
CA PRO A 252 -4.96 1.97 -6.50
C PRO A 252 -5.35 3.28 -7.16
N SER A 253 -6.65 3.48 -7.40
CA SER A 253 -7.07 4.71 -8.06
C SER A 253 -6.79 5.97 -7.24
N TYR A 254 -6.65 5.83 -5.92
CA TYR A 254 -6.36 6.97 -5.04
C TYR A 254 -4.88 7.32 -4.99
N ALA A 255 -4.02 6.53 -5.61
CA ALA A 255 -2.59 6.68 -5.60
C ALA A 255 -1.99 6.76 -4.20
N ASP A 256 -2.63 6.11 -3.23
CA ASP A 256 -2.14 6.11 -1.89
C ASP A 256 -2.84 5.00 -1.09
N ILE A 257 -2.26 4.77 0.06
CA ILE A 257 -2.91 4.03 1.15
C ILE A 257 -3.96 5.00 1.68
N TRP A 258 -5.14 4.45 1.95
CA TRP A 258 -6.21 5.20 2.57
C TRP A 258 -6.44 4.68 3.98
N GLY A 259 -6.97 5.56 4.85
CA GLY A 259 -7.19 5.25 6.23
C GLY A 259 -8.63 5.41 6.70
N TRP A 260 -8.89 4.69 7.78
CA TRP A 260 -10.17 4.71 8.51
C TRP A 260 -9.86 4.59 9.96
N VAL A 261 -10.75 5.07 10.79
CA VAL A 261 -10.62 4.88 12.24
C VAL A 261 -11.94 4.42 12.85
N LEU A 262 -11.87 3.30 13.55
CA LEU A 262 -12.96 2.80 14.41
C LEU A 262 -12.84 3.41 15.81
N ALA A 263 -13.97 3.73 16.46
CA ALA A 263 -13.95 4.22 17.77
C ALA A 263 -15.20 3.73 18.52
N SER A 264 -15.00 3.39 19.78
CA SER A 264 -16.11 2.89 20.61
C SER A 264 -15.77 3.00 22.08
N ASP A 265 -16.78 3.05 22.93
CA ASP A 265 -16.54 2.91 24.37
C ASP A 265 -16.50 1.47 24.85
N SER A 266 -16.73 0.50 23.96
CA SER A 266 -16.51 -0.92 24.23
C SER A 266 -15.33 -1.42 23.40
N PRO A 267 -14.63 -2.46 23.89
CA PRO A 267 -13.50 -2.96 23.17
C PRO A 267 -13.74 -3.30 21.72
N LEU A 268 -12.71 -3.07 20.92
CA LEU A 268 -12.72 -3.42 19.53
C LEU A 268 -11.62 -4.48 19.33
N ASP A 269 -11.96 -5.73 19.63
CA ASP A 269 -10.98 -6.83 19.64
C ASP A 269 -11.63 -8.14 19.21
N LEU A 270 -11.48 -8.48 17.96
CA LEU A 270 -11.86 -9.76 17.43
C LEU A 270 -10.68 -10.35 16.68
N SER A 271 -10.53 -11.65 16.78
CA SER A 271 -9.56 -12.38 16.02
C SER A 271 -9.95 -12.46 14.55
N ALA A 272 -8.97 -12.74 13.69
CA ALA A 272 -9.26 -13.01 12.30
C ALA A 272 -10.33 -14.12 12.17
N GLU A 273 -10.20 -15.19 12.96
CA GLU A 273 -11.12 -16.33 12.91
C GLU A 273 -12.54 -15.92 13.28
N GLU A 274 -12.68 -15.15 14.34
CA GLU A 274 -14.01 -14.65 14.73
C GLU A 274 -14.61 -13.70 13.70
N LEU A 275 -13.79 -12.83 13.13
CA LEU A 275 -14.27 -12.00 12.05
C LEU A 275 -14.81 -12.80 10.90
N ASP A 276 -14.07 -13.83 10.50
CA ASP A 276 -14.49 -14.69 9.40
C ASP A 276 -15.83 -15.39 9.69
N ILE A 277 -15.95 -15.92 10.90
CA ILE A 277 -17.19 -16.59 11.27
C ILE A 277 -18.33 -15.59 11.19
N ARG A 278 -18.10 -14.40 11.75
CA ARG A 278 -19.13 -13.36 11.67
C ARG A 278 -19.50 -12.93 10.25
N MET A 279 -18.50 -12.84 9.35
CA MET A 279 -18.78 -12.48 7.98
C MET A 279 -19.67 -13.51 7.32
N ARG A 280 -19.39 -14.76 7.61
CA ARG A 280 -20.21 -15.85 7.07
C ARG A 280 -21.64 -15.84 7.63
N GLN A 281 -21.77 -15.52 8.91
CA GLN A 281 -23.09 -15.51 9.56
C GLN A 281 -23.92 -14.31 9.19
N ARG A 282 -23.28 -13.16 9.01
CA ARG A 282 -24.00 -11.90 9.00
C ARG A 282 -24.04 -11.15 7.73
N ILE A 283 -23.15 -11.46 6.77
CA ILE A 283 -23.07 -10.67 5.54
C ILE A 283 -23.52 -11.56 4.39
N ILE A 284 -24.48 -11.06 3.61
CA ILE A 284 -24.92 -11.75 2.39
C ILE A 284 -23.80 -11.76 1.33
N GLU A 285 -23.58 -12.93 0.71
CA GLU A 285 -22.57 -13.13 -0.34
C GLU A 285 -21.15 -12.92 0.20
N GLU A 286 -20.16 -13.20 -0.63
CA GLU A 286 -18.76 -13.14 -0.22
C GLU A 286 -18.18 -11.75 -0.41
N ASN A 287 -17.51 -11.24 0.62
CA ASN A 287 -16.68 -10.06 0.39
C ASN A 287 -15.61 -10.33 -0.67
N ARG A 288 -15.26 -9.28 -1.40
CA ARG A 288 -14.24 -9.37 -2.47
C ARG A 288 -12.86 -9.06 -1.90
N TYR A 289 -12.80 -8.06 -1.01
CA TYR A 289 -11.51 -7.59 -0.47
C TYR A 289 -11.20 -8.12 0.90
N LEU A 290 -12.18 -8.02 1.81
CA LEU A 290 -11.89 -8.16 3.22
C LEU A 290 -12.24 -9.55 3.77
N ASP A 291 -11.24 -10.24 4.35
CA ASP A 291 -11.46 -11.32 5.30
C ASP A 291 -10.80 -10.95 6.63
N GLY A 292 -10.88 -11.85 7.61
CA GLY A 292 -10.40 -11.58 8.95
C GLY A 292 -8.91 -11.25 8.95
N LYS A 293 -8.12 -12.04 8.26
CA LYS A 293 -6.71 -11.80 8.21
C LYS A 293 -6.38 -10.47 7.55
N THR A 294 -7.17 -10.10 6.55
CA THR A 294 -6.97 -8.81 5.86
C THR A 294 -7.19 -7.67 6.86
N PHE A 295 -8.25 -7.76 7.65
CA PHE A 295 -8.50 -6.74 8.64
C PHE A 295 -7.36 -6.65 9.69
N VAL A 296 -6.87 -7.80 10.09
CA VAL A 296 -5.78 -7.82 11.09
C VAL A 296 -4.52 -7.14 10.51
N SER A 297 -4.24 -7.43 9.26
CA SER A 297 -3.15 -6.75 8.52
C SER A 297 -3.37 -5.25 8.41
N SER A 298 -4.58 -4.87 7.97
CA SER A 298 -4.96 -3.46 7.83
C SER A 298 -4.77 -2.66 9.08
N SER A 299 -5.03 -3.27 10.24
CA SER A 299 -4.98 -2.59 11.53
C SER A 299 -3.64 -2.72 12.19
N THR A 300 -2.69 -3.32 11.47
CA THR A 300 -1.31 -3.38 11.93
C THR A 300 -0.52 -2.42 11.05
N LEU A 301 -0.35 -1.25 11.55
CA LEU A 301 0.27 -0.14 10.80
C LEU A 301 1.78 -0.31 10.90
N SER A 302 2.54 0.38 10.04
CA SER A 302 3.96 0.23 10.01
C SER A 302 4.60 0.99 11.15
N LYS A 303 5.87 0.67 11.40
CA LYS A 303 6.59 1.30 12.50
C LYS A 303 6.45 2.80 12.50
N ALA A 304 6.71 3.43 11.36
CA ALA A 304 6.75 4.88 11.35
C ALA A 304 5.39 5.47 11.55
N VAL A 305 4.38 4.86 10.95
CA VAL A 305 3.03 5.35 11.08
C VAL A 305 2.53 5.23 12.52
N ARG A 306 2.73 4.07 13.12
CA ARG A 306 2.38 3.86 14.54
C ARG A 306 3.03 4.85 15.47
N ASN A 307 4.32 5.10 15.27
CA ASN A 307 5.00 6.08 16.14
C ASN A 307 4.46 7.48 15.94
N SER A 308 4.21 7.82 14.69
CA SER A 308 3.66 9.13 14.36
C SER A 308 2.26 9.33 14.98
N LEU A 309 1.41 8.32 14.91
CA LEU A 309 0.08 8.38 15.53
C LEU A 309 0.23 8.56 17.05
N ASN A 310 1.18 7.82 17.64
CA ASN A 310 1.54 7.96 19.08
C ASN A 310 1.98 9.36 19.48
N ASN A 311 2.84 9.97 18.67
CA ASN A 311 3.38 11.32 18.94
C ASN A 311 2.46 12.50 18.55
N GLU A 312 1.34 12.22 17.90
CA GLU A 312 0.49 13.27 17.39
C GLU A 312 -0.15 14.07 18.53
N THR A 313 -0.05 15.38 18.45
CA THR A 313 -0.64 16.26 19.46
C THR A 313 -1.79 17.10 18.94
N HIS A 314 -1.95 17.24 17.63
CA HIS A 314 -2.99 18.12 17.08
C HIS A 314 -4.35 17.47 17.37
N VAL A 315 -5.31 18.31 17.77
CA VAL A 315 -6.67 17.89 18.03
C VAL A 315 -7.55 18.88 17.31
N TYR A 316 -8.52 18.44 16.49
CA TYR A 316 -9.46 19.33 15.74
C TYR A 316 -10.30 19.92 16.85
N THR A 317 -10.42 21.22 16.92
CA THR A 317 -10.72 21.79 18.26
C THR A 317 -10.55 23.29 18.33
N LYS B 27 3.99 25.50 -11.45
CA LYS B 27 5.12 24.52 -11.50
C LYS B 27 5.15 23.96 -12.91
N SER B 28 6.23 24.29 -13.63
CA SER B 28 6.24 24.13 -15.07
C SER B 28 6.99 22.89 -15.51
N CYS B 29 7.94 22.36 -14.71
CA CYS B 29 8.78 21.24 -15.12
C CYS B 29 8.40 19.96 -14.37
N TRP B 30 8.25 18.87 -15.14
CA TRP B 30 7.72 17.61 -14.64
C TRP B 30 8.56 16.43 -15.12
N TYR B 31 8.81 15.45 -14.25
CA TYR B 31 9.18 14.12 -14.65
C TYR B 31 7.91 13.28 -14.78
N GLU B 32 7.78 12.54 -15.88
CA GLU B 32 6.60 11.75 -16.13
C GLU B 32 7.03 10.31 -16.36
N GLU B 33 6.33 9.42 -15.72
CA GLU B 33 6.48 8.02 -15.95
C GLU B 33 5.13 7.36 -16.25
N GLU B 34 5.14 6.58 -17.32
CA GLU B 34 4.04 5.74 -17.69
C GLU B 34 4.18 4.47 -16.86
N ILE B 35 3.50 4.42 -15.72
CA ILE B 35 3.40 3.20 -14.90
C ILE B 35 2.85 2.02 -15.74
N GLU B 36 1.73 2.26 -16.40
CA GLU B 36 1.11 1.37 -17.38
C GLU B 36 0.95 2.22 -18.63
N GLU B 37 0.68 1.64 -19.80
CA GLU B 37 0.34 2.49 -20.96
C GLU B 37 -0.81 3.49 -20.74
N ASN B 38 -1.68 3.20 -19.76
N ASN B 38 -1.71 3.18 -19.78
CA ASN B 38 -2.84 4.04 -19.50
CA ASN B 38 -2.87 4.03 -19.52
C ASN B 38 -2.81 4.83 -18.20
C ASN B 38 -2.82 4.83 -18.21
N LEU B 39 -1.66 4.86 -17.57
CA LEU B 39 -1.54 5.55 -16.32
C LEU B 39 -0.21 6.31 -16.19
N ARG B 40 -0.28 7.58 -15.86
CA ARG B 40 0.92 8.37 -15.76
C ARG B 40 1.05 8.99 -14.40
N TRP B 41 2.28 9.02 -13.92
CA TRP B 41 2.56 9.45 -12.55
C TRP B 41 3.63 10.50 -12.72
N CYS B 42 3.36 11.75 -12.29
CA CYS B 42 4.24 12.87 -12.62
C CYS B 42 4.71 13.63 -11.39
N PHE B 43 6.01 13.88 -11.32
CA PHE B 43 6.64 14.57 -10.19
C PHE B 43 7.16 15.91 -10.67
N ALA B 44 6.88 16.97 -9.91
CA ALA B 44 7.45 18.27 -10.27
C ALA B 44 8.96 18.18 -10.04
N LEU B 45 9.70 18.84 -10.91
CA LEU B 45 11.14 18.77 -10.99
C LEU B 45 11.81 20.07 -10.53
N ASN B 46 12.81 19.93 -9.67
CA ASN B 46 13.75 21.04 -9.36
C ASN B 46 14.86 21.08 -10.42
N SER B 47 15.49 19.95 -10.68
CA SER B 47 16.55 19.94 -11.67
C SER B 47 16.82 18.57 -12.20
N ILE B 48 17.61 18.53 -13.26
CA ILE B 48 18.09 17.29 -13.82
C ILE B 48 19.58 17.26 -13.55
N LEU B 49 19.97 16.42 -12.60
CA LEU B 49 21.29 16.52 -11.99
C LEU B 49 22.36 15.92 -12.87
N HIS B 50 21.94 14.84 -13.55
N HIS B 50 22.28 14.65 -13.13
CA HIS B 50 22.71 14.12 -14.60
CA HIS B 50 23.48 14.00 -13.62
C HIS B 50 21.82 13.30 -15.54
C HIS B 50 22.91 12.97 -14.56
N THR B 51 22.26 13.14 -16.80
N THR B 51 23.66 12.67 -15.61
CA THR B 51 21.60 12.22 -17.74
CA THR B 51 23.25 11.68 -16.55
C THR B 51 22.74 11.57 -18.55
C THR B 51 24.43 10.76 -16.84
N GLY B 52 22.60 10.30 -18.91
N GLY B 52 24.10 9.53 -17.19
CA GLY B 52 23.65 9.56 -19.62
CA GLY B 52 25.10 8.52 -17.54
C GLY B 52 23.21 8.21 -20.13
C GLY B 52 24.43 7.74 -18.64
N ALA B 53 24.17 7.32 -20.44
N ALA B 53 25.14 6.77 -19.19
CA ALA B 53 23.88 5.93 -20.81
CA ALA B 53 24.52 6.00 -20.24
C ALA B 53 25.05 4.96 -21.02
C ALA B 53 25.42 4.85 -20.51
N SER B 54 24.84 3.68 -20.68
CA SER B 54 25.68 2.55 -21.09
C SER B 54 24.94 1.88 -22.24
N GLN B 55 25.51 0.84 -22.87
CA GLN B 55 24.73 0.14 -23.93
C GLN B 55 23.59 -0.66 -23.36
N TYR B 56 23.60 -0.92 -22.05
CA TYR B 56 22.45 -1.53 -21.39
C TYR B 56 21.31 -0.58 -21.17
N GLN B 57 21.57 0.67 -20.79
CA GLN B 57 20.47 1.53 -20.33
C GLN B 57 20.90 2.98 -20.10
N ASP B 58 19.98 3.91 -20.32
CA ASP B 58 20.15 5.32 -19.98
C ASP B 58 20.01 5.49 -18.47
N ILE B 59 20.72 6.46 -17.94
CA ILE B 59 20.84 6.70 -16.52
C ILE B 59 20.57 8.16 -16.30
N ALA B 60 19.72 8.50 -15.33
CA ALA B 60 19.40 9.90 -15.00
C ALA B 60 19.22 10.04 -13.50
N LEU B 61 19.74 11.10 -12.93
CA LEU B 61 19.47 11.48 -11.55
C LEU B 61 18.75 12.82 -11.52
N LEU B 62 17.52 12.79 -11.00
CA LEU B 62 16.63 13.95 -11.02
C LEU B 62 16.49 14.47 -9.64
N ASP B 63 16.34 15.76 -9.48
CA ASP B 63 16.01 16.31 -8.21
C ASP B 63 14.52 16.66 -8.29
N THR B 64 13.70 15.87 -7.62
CA THR B 64 12.25 16.03 -7.68
C THR B 64 11.75 16.66 -6.43
N LYS B 65 10.65 17.39 -6.56
CA LYS B 65 10.08 18.07 -5.40
C LYS B 65 9.44 17.10 -4.44
N PRO B 66 8.56 16.19 -4.94
CA PRO B 66 7.90 15.36 -3.93
C PRO B 66 8.81 14.28 -3.27
N PHE B 67 9.74 13.74 -4.02
CA PHE B 67 10.47 12.57 -3.55
C PHE B 67 11.99 12.76 -3.46
N GLY B 68 12.48 13.99 -3.59
CA GLY B 68 13.93 14.21 -3.63
C GLY B 68 14.62 13.65 -4.86
N LYS B 69 15.89 13.30 -4.66
CA LYS B 69 16.70 12.84 -5.73
C LYS B 69 16.23 11.48 -6.18
N ALA B 70 16.05 11.29 -7.48
CA ALA B 70 15.49 10.08 -8.01
C ALA B 70 16.38 9.53 -9.10
N LEU B 71 16.69 8.23 -8.98
CA LEU B 71 17.49 7.53 -9.95
C LEU B 71 16.53 6.89 -10.92
N VAL B 72 16.72 7.18 -12.20
CA VAL B 72 15.90 6.63 -13.28
C VAL B 72 16.75 5.90 -14.29
N LEU B 73 16.36 4.65 -14.60
CA LEU B 73 17.08 3.83 -15.56
C LEU B 73 16.14 3.50 -16.70
N ASP B 74 16.56 3.89 -17.90
CA ASP B 74 15.73 3.73 -19.12
C ASP B 74 14.31 4.26 -18.91
N GLY B 75 14.24 5.45 -18.32
CA GLY B 75 13.00 6.14 -18.02
C GLY B 75 12.09 5.51 -16.98
N LYS B 76 12.61 4.54 -16.23
CA LYS B 76 11.87 3.91 -15.17
C LYS B 76 12.55 4.24 -13.85
N LEU B 77 11.78 4.88 -12.99
CA LEU B 77 12.21 5.19 -11.68
C LEU B 77 12.67 3.92 -10.96
N GLN B 78 13.86 3.99 -10.36
CA GLN B 78 14.42 2.89 -9.56
C GLN B 78 14.34 3.16 -8.07
N SER B 79 14.76 4.34 -7.68
CA SER B 79 14.92 4.67 -6.28
C SER B 79 14.69 6.12 -6.12
N ALA B 80 13.86 6.53 -5.16
CA ALA B 80 13.79 7.91 -4.76
C ALA B 80 14.32 8.12 -3.37
N GLU B 81 14.89 9.27 -3.17
CA GLU B 81 15.55 9.58 -1.92
C GLU B 81 14.64 9.49 -0.69
N THR B 82 13.40 9.97 -0.78
CA THR B 82 12.59 10.05 0.40
C THR B 82 12.14 8.67 0.87
N ASP B 83 11.97 7.71 -0.03
CA ASP B 83 11.41 6.44 0.34
C ASP B 83 12.13 5.19 -0.09
N GLU B 84 13.30 5.29 -0.69
CA GLU B 84 14.04 4.08 -1.02
C GLU B 84 14.35 3.20 0.19
N PHE B 85 14.46 3.80 1.37
CA PHE B 85 14.68 3.04 2.62
C PHE B 85 13.61 1.94 2.80
N ILE B 86 12.36 2.21 2.35
CA ILE B 86 11.32 1.22 2.48
C ILE B 86 11.67 -0.02 1.62
N TYR B 87 11.98 0.19 0.34
CA TYR B 87 12.25 -0.89 -0.55
C TYR B 87 13.49 -1.66 -0.04
N HIS B 88 14.52 -0.94 0.36
CA HIS B 88 15.76 -1.63 0.70
C HIS B 88 15.69 -2.30 2.06
N GLU B 89 15.01 -1.72 3.04
CA GLU B 89 14.80 -2.43 4.30
C GLU B 89 13.93 -3.67 4.14
N CYS B 90 12.86 -3.54 3.35
CA CYS B 90 12.00 -4.72 3.06
C CYS B 90 12.72 -5.81 2.28
N LEU B 91 13.56 -5.43 1.34
CA LEU B 91 14.30 -6.40 0.52
C LEU B 91 15.29 -7.19 1.37
N VAL B 92 15.96 -6.51 2.30
CA VAL B 92 17.11 -7.06 3.03
C VAL B 92 16.83 -7.67 4.39
N HIS B 93 16.12 -6.92 5.25
CA HIS B 93 16.10 -7.33 6.64
C HIS B 93 15.37 -8.60 7.00
N PRO B 94 14.17 -8.82 6.42
CA PRO B 94 13.46 -10.05 6.76
C PRO B 94 14.31 -11.30 6.49
N ALA B 95 14.96 -11.37 5.31
CA ALA B 95 15.82 -12.52 5.04
C ALA B 95 16.89 -12.72 6.06
N LEU B 96 17.64 -11.66 6.35
CA LEU B 96 18.80 -11.85 7.26
C LEU B 96 18.33 -12.14 8.69
N LEU B 97 17.22 -11.53 9.09
CA LEU B 97 16.71 -11.76 10.42
C LEU B 97 16.17 -13.17 10.64
N HIS B 98 15.66 -13.82 9.62
CA HIS B 98 15.17 -15.14 9.74
C HIS B 98 16.31 -16.15 9.75
N HIS B 99 17.49 -15.70 9.33
CA HIS B 99 18.67 -16.55 9.34
C HIS B 99 19.30 -16.58 10.74
N PRO B 100 19.83 -17.75 11.15
CA PRO B 100 20.37 -17.80 12.53
C PRO B 100 21.63 -16.97 12.74
N MET B 101 22.48 -16.89 11.72
CA MET B 101 23.73 -16.15 11.77
C MET B 101 24.30 -15.96 10.36
N PRO B 102 23.81 -14.92 9.65
CA PRO B 102 24.20 -14.76 8.24
C PRO B 102 25.51 -14.01 8.13
N LYS B 103 26.50 -14.64 7.49
N LYS B 103 26.51 -14.65 7.53
CA LYS B 103 27.86 -14.11 7.34
CA LYS B 103 27.86 -14.13 7.47
C LYS B 103 28.23 -13.69 5.93
C LYS B 103 28.27 -13.71 6.07
N ASN B 104 27.74 -14.41 4.94
N ASN B 104 27.85 -14.42 5.04
CA ASN B 104 28.19 -14.26 3.58
CA ASN B 104 28.09 -13.90 3.72
C ASN B 104 26.97 -14.14 2.67
C ASN B 104 26.81 -13.84 2.89
N VAL B 105 26.85 -13.00 1.99
N VAL B 105 26.84 -12.90 1.95
CA VAL B 105 25.71 -12.73 1.11
CA VAL B 105 25.69 -12.61 1.13
C VAL B 105 26.12 -12.29 -0.29
C VAL B 105 26.15 -12.32 -0.29
N PHE B 106 25.35 -12.77 -1.26
CA PHE B 106 25.55 -12.45 -2.67
C PHE B 106 24.33 -11.67 -3.18
N ILE B 107 24.58 -10.53 -3.78
CA ILE B 107 23.50 -9.74 -4.40
C ILE B 107 23.51 -9.95 -5.92
N MET B 108 22.40 -10.45 -6.51
CA MET B 108 22.21 -10.41 -7.93
C MET B 108 21.66 -9.06 -8.30
N GLY B 109 22.47 -8.22 -8.93
CA GLY B 109 22.09 -6.85 -9.31
C GLY B 109 22.48 -5.91 -8.22
N GLY B 110 21.53 -5.14 -7.76
CA GLY B 110 21.78 -4.04 -6.83
C GLY B 110 22.24 -2.83 -7.62
N GLY B 111 23.55 -2.58 -7.56
CA GLY B 111 24.19 -1.54 -8.33
C GLY B 111 24.15 -0.18 -7.70
N GLU B 112 23.03 0.18 -7.09
CA GLU B 112 22.91 1.51 -6.49
C GLU B 112 23.69 1.65 -5.20
N GLY B 113 23.93 0.53 -4.52
CA GLY B 113 24.62 0.49 -3.27
C GLY B 113 23.70 0.41 -2.06
N SER B 114 22.40 0.60 -2.26
CA SER B 114 21.48 0.65 -1.15
C SER B 114 21.19 -0.70 -0.51
N THR B 115 21.13 -1.74 -1.34
CA THR B 115 20.99 -3.07 -0.83
C THR B 115 22.22 -3.45 -0.01
N ALA B 116 23.38 -3.18 -0.56
CA ALA B 116 24.63 -3.40 0.14
C ALA B 116 24.62 -2.63 1.48
N ARG B 117 24.22 -1.36 1.42
CA ARG B 117 24.18 -0.52 2.63
C ARG B 117 23.37 -1.20 3.74
N GLU B 118 22.14 -1.65 3.40
CA GLU B 118 21.34 -2.29 4.42
C GLU B 118 21.93 -3.60 4.95
N LEU B 119 22.47 -4.44 4.05
CA LEU B 119 23.17 -5.66 4.46
C LEU B 119 24.32 -5.39 5.43
N LEU B 120 25.06 -4.34 5.14
CA LEU B 120 26.24 -4.00 5.98
C LEU B 120 25.90 -3.43 7.35
N ARG B 121 24.65 -3.06 7.58
CA ARG B 121 24.16 -2.75 8.92
C ARG B 121 24.13 -3.94 9.84
N HIS B 122 24.14 -5.17 9.31
CA HIS B 122 24.14 -6.35 10.12
C HIS B 122 25.51 -6.67 10.64
N LYS B 123 25.65 -6.71 11.98
CA LYS B 123 26.96 -7.02 12.54
C LYS B 123 27.46 -8.43 12.30
N THR B 124 26.56 -9.38 11.99
CA THR B 124 26.97 -10.74 11.68
C THR B 124 27.74 -10.86 10.36
N ILE B 125 27.51 -9.92 9.45
CA ILE B 125 28.00 -10.00 8.10
C ILE B 125 29.51 -9.79 8.05
N ASP B 126 30.17 -10.70 7.37
CA ASP B 126 31.62 -10.64 7.07
C ASP B 126 31.92 -10.31 5.60
N LYS B 127 31.06 -10.71 4.67
CA LYS B 127 31.29 -10.44 3.24
C LYS B 127 29.99 -10.25 2.52
N VAL B 128 29.97 -9.25 1.68
CA VAL B 128 28.88 -9.00 0.68
C VAL B 128 29.50 -8.91 -0.70
N VAL B 129 28.99 -9.70 -1.61
CA VAL B 129 29.35 -9.61 -3.01
C VAL B 129 28.20 -9.00 -3.78
N MET B 130 28.45 -7.93 -4.52
CA MET B 130 27.44 -7.25 -5.33
C MET B 130 27.79 -7.58 -6.76
N CYS B 131 26.92 -8.34 -7.43
CA CYS B 131 27.16 -8.77 -8.79
C CYS B 131 26.17 -8.16 -9.79
N ASP B 132 26.64 -7.14 -10.52
CA ASP B 132 25.78 -6.31 -11.40
C ASP B 132 26.40 -6.33 -12.76
N ILE B 133 25.57 -6.32 -13.77
CA ILE B 133 26.08 -6.44 -15.12
C ILE B 133 26.57 -5.10 -15.66
N ASP B 134 26.13 -3.98 -15.09
CA ASP B 134 26.36 -2.66 -15.67
C ASP B 134 27.26 -1.86 -14.79
N GLU B 135 28.56 -1.91 -15.09
CA GLU B 135 29.53 -1.18 -14.31
C GLU B 135 29.27 0.32 -14.30
N GLU B 136 28.65 0.84 -15.35
CA GLU B 136 28.42 2.30 -15.40
C GLU B 136 27.39 2.71 -14.38
N VAL B 137 26.42 1.85 -14.10
CA VAL B 137 25.44 2.16 -13.05
C VAL B 137 26.14 2.16 -11.68
N VAL B 138 26.99 1.15 -11.43
CA VAL B 138 27.69 1.06 -10.15
C VAL B 138 28.54 2.29 -9.96
N GLU B 139 29.29 2.63 -10.98
CA GLU B 139 30.23 3.75 -10.85
C GLU B 139 29.47 5.08 -10.69
N PHE B 140 28.36 5.21 -11.41
CA PHE B 140 27.51 6.39 -11.29
C PHE B 140 27.03 6.53 -9.85
N CYS B 141 26.47 5.45 -9.30
CA CYS B 141 25.91 5.51 -7.95
C CYS B 141 26.98 5.66 -6.89
N LYS B 142 28.13 5.04 -7.08
CA LYS B 142 29.22 5.19 -6.14
C LYS B 142 29.62 6.67 -5.99
N SER B 143 29.52 7.38 -7.08
CA SER B 143 29.83 8.83 -7.09
C SER B 143 28.69 9.75 -6.67
N TYR B 144 27.48 9.42 -7.08
CA TYR B 144 26.35 10.33 -6.90
C TYR B 144 25.36 10.02 -5.82
N LEU B 145 25.32 8.79 -5.32
CA LEU B 145 24.42 8.49 -4.23
C LEU B 145 25.20 8.53 -2.93
N VAL B 146 25.25 9.72 -2.32
CA VAL B 146 26.15 9.89 -1.19
C VAL B 146 25.66 9.11 0.04
N VAL B 147 24.37 8.79 0.11
CA VAL B 147 23.85 7.92 1.16
C VAL B 147 24.62 6.58 1.26
N ASN B 148 25.16 6.10 0.14
CA ASN B 148 25.84 4.83 0.06
C ASN B 148 27.35 4.89 0.04
N LYS B 149 27.91 6.05 0.32
CA LYS B 149 29.39 6.19 0.23
C LYS B 149 30.13 5.29 1.24
N GLU B 150 29.66 5.28 2.49
N GLU B 150 29.72 5.22 2.51
CA GLU B 150 30.15 4.37 3.52
CA GLU B 150 30.39 4.30 3.42
C GLU B 150 30.11 2.93 3.02
C GLU B 150 30.13 2.82 3.08
N ALA B 151 28.92 2.50 2.60
CA ALA B 151 28.70 1.14 2.09
C ALA B 151 29.73 0.76 1.03
N PHE B 152 29.88 1.63 0.03
CA PHE B 152 30.79 1.37 -1.10
C PHE B 152 32.23 1.26 -0.67
N HIS B 153 32.58 1.95 0.41
CA HIS B 153 33.95 1.89 0.98
C HIS B 153 34.21 0.87 2.10
N ASP B 154 33.19 0.10 2.42
CA ASP B 154 33.27 -0.93 3.43
C ASP B 154 34.15 -2.08 2.91
N SER B 155 35.14 -2.48 3.71
CA SER B 155 36.06 -3.54 3.31
C SER B 155 35.38 -4.88 3.14
N ARG B 156 34.16 -5.02 3.68
CA ARG B 156 33.43 -6.27 3.54
C ARG B 156 32.76 -6.40 2.18
N LEU B 157 32.69 -5.31 1.41
CA LEU B 157 32.02 -5.30 0.10
C LEU B 157 32.96 -5.61 -1.05
N GLU B 158 32.57 -6.57 -1.89
CA GLU B 158 33.24 -6.84 -3.16
C GLU B 158 32.23 -6.60 -4.30
N VAL B 159 32.61 -5.77 -5.28
CA VAL B 159 31.81 -5.52 -6.46
C VAL B 159 32.38 -6.40 -7.58
N VAL B 160 31.52 -7.19 -8.21
CA VAL B 160 31.87 -8.01 -9.35
C VAL B 160 30.98 -7.57 -10.49
N ILE B 161 31.58 -7.34 -11.64
CA ILE B 161 30.84 -6.98 -12.84
C ILE B 161 30.67 -8.24 -13.68
N ASN B 162 29.47 -8.82 -13.66
CA ASN B 162 29.19 -10.06 -14.35
C ASN B 162 27.72 -10.31 -14.34
N ASP B 163 27.32 -11.21 -15.24
CA ASP B 163 26.03 -11.87 -15.19
C ASP B 163 26.01 -12.73 -13.93
N ALA B 164 24.98 -12.61 -13.11
CA ALA B 164 24.91 -13.34 -11.84
C ALA B 164 24.87 -14.87 -12.04
N LYS B 165 24.24 -15.38 -13.12
CA LYS B 165 24.22 -16.83 -13.35
C LYS B 165 25.59 -17.34 -13.63
N ALA B 166 26.32 -16.65 -14.50
CA ALA B 166 27.70 -17.01 -14.80
C ALA B 166 28.57 -16.95 -13.58
N GLU B 167 28.42 -15.88 -12.80
CA GLU B 167 29.23 -15.72 -11.59
C GLU B 167 29.02 -16.83 -10.56
N LEU B 168 27.74 -17.14 -10.28
CA LEU B 168 27.42 -18.21 -9.32
C LEU B 168 27.91 -19.59 -9.81
N GLU B 169 27.66 -19.87 -11.08
CA GLU B 169 28.00 -21.18 -11.65
C GLU B 169 29.49 -21.40 -11.70
N GLY B 170 30.24 -20.33 -11.89
CA GLY B 170 31.70 -20.43 -12.04
C GLY B 170 32.52 -20.56 -10.80
N LYS B 171 31.90 -20.46 -9.62
CA LYS B 171 32.58 -20.61 -8.36
C LYS B 171 31.81 -21.54 -7.46
N GLU B 172 32.52 -22.23 -6.56
CA GLU B 172 31.91 -23.11 -5.59
C GLU B 172 31.55 -22.46 -4.26
N GLU B 173 31.86 -21.17 -4.09
CA GLU B 173 31.49 -20.48 -2.87
C GLU B 173 29.97 -20.48 -2.69
N LYS B 174 29.54 -20.70 -1.47
CA LYS B 174 28.14 -20.71 -1.10
C LYS B 174 27.87 -19.57 -0.15
N TYR B 175 26.61 -19.22 -0.01
CA TYR B 175 26.21 -18.03 0.71
C TYR B 175 25.08 -18.34 1.66
N ASP B 176 25.06 -17.61 2.79
CA ASP B 176 23.94 -17.69 3.74
C ASP B 176 22.67 -17.07 3.21
N VAL B 177 22.80 -15.95 2.50
CA VAL B 177 21.60 -15.33 1.88
C VAL B 177 22.03 -14.93 0.47
N ILE B 178 21.12 -15.11 -0.49
CA ILE B 178 21.31 -14.54 -1.84
C ILE B 178 20.09 -13.64 -2.07
N VAL B 179 20.38 -12.46 -2.58
CA VAL B 179 19.42 -11.37 -2.72
C VAL B 179 19.23 -11.07 -4.22
N GLY B 180 18.02 -11.23 -4.73
CA GLY B 180 17.67 -10.81 -6.07
C GLY B 180 17.21 -9.37 -6.07
N ASP B 181 18.02 -8.49 -6.63
CA ASP B 181 17.69 -7.09 -6.78
C ASP B 181 17.84 -6.71 -8.26
N LEU B 182 17.08 -7.41 -9.11
CA LEU B 182 17.11 -7.24 -10.54
C LEU B 182 15.84 -6.60 -11.05
N ALA B 183 15.88 -6.19 -12.33
CA ALA B 183 14.66 -5.76 -13.03
C ALA B 183 13.62 -6.89 -13.03
N ASP B 184 12.34 -6.55 -13.08
CA ASP B 184 11.26 -7.50 -13.22
C ASP B 184 11.50 -8.42 -14.42
N PRO B 185 11.06 -9.69 -14.31
CA PRO B 185 11.29 -10.60 -15.44
C PRO B 185 10.43 -10.21 -16.64
N ILE B 186 10.97 -10.36 -17.82
CA ILE B 186 10.28 -10.05 -19.06
C ILE B 186 10.81 -11.11 -20.05
N GLU B 187 9.96 -12.04 -20.47
CA GLU B 187 10.33 -13.03 -21.51
C GLU B 187 11.18 -12.35 -22.59
N GLY B 188 12.46 -12.74 -22.67
CA GLY B 188 13.38 -12.15 -23.65
C GLY B 188 14.30 -11.04 -23.18
N GLY B 189 14.16 -10.55 -21.93
CA GLY B 189 15.16 -9.63 -21.34
C GLY B 189 16.32 -10.40 -20.70
N PRO B 190 17.44 -9.73 -20.36
CA PRO B 190 18.64 -10.39 -19.79
C PRO B 190 18.52 -10.88 -18.30
N CYS B 191 17.60 -10.28 -17.53
CA CYS B 191 17.31 -10.77 -16.17
C CYS B 191 16.44 -11.97 -16.11
N TYR B 192 15.68 -12.23 -17.18
CA TYR B 192 14.61 -13.18 -17.13
C TYR B 192 15.12 -14.55 -16.64
N LYS B 193 16.29 -14.94 -17.11
CA LYS B 193 16.82 -16.25 -16.75
C LYS B 193 17.07 -16.44 -15.25
N LEU B 194 17.22 -15.34 -14.53
CA LEU B 194 17.47 -15.38 -13.10
C LEU B 194 16.20 -15.53 -12.27
N TYR B 195 15.06 -15.76 -12.92
CA TYR B 195 13.78 -15.99 -12.27
C TYR B 195 13.19 -17.36 -12.67
N THR B 196 13.95 -18.18 -13.39
CA THR B 196 13.37 -19.45 -13.82
C THR B 196 13.53 -20.55 -12.77
N LYS B 197 12.64 -21.54 -12.88
CA LYS B 197 12.66 -22.71 -12.04
C LYS B 197 14.02 -23.39 -12.12
N ASP B 198 14.49 -23.61 -13.33
CA ASP B 198 15.79 -24.28 -13.50
C ASP B 198 16.95 -23.48 -12.94
N PHE B 199 16.94 -22.15 -13.11
CA PHE B 199 17.95 -21.30 -12.45
C PHE B 199 17.97 -21.53 -10.93
N TYR B 200 16.80 -21.44 -10.33
CA TYR B 200 16.70 -21.55 -8.88
C TYR B 200 17.14 -22.91 -8.42
N GLU B 201 16.68 -23.97 -9.11
CA GLU B 201 16.98 -25.34 -8.71
C GLU B 201 18.41 -25.75 -8.95
N LEU B 202 18.95 -25.42 -10.11
CA LEU B 202 20.20 -25.99 -10.60
C LEU B 202 21.36 -25.06 -10.45
N THR B 203 21.13 -23.76 -10.24
CA THR B 203 22.23 -22.77 -10.13
C THR B 203 22.26 -22.14 -8.76
N LEU B 204 21.12 -21.61 -8.34
CA LEU B 204 21.09 -20.82 -7.09
C LEU B 204 21.11 -21.72 -5.84
N LYS B 205 20.17 -22.66 -5.78
CA LYS B 205 20.06 -23.52 -4.57
C LYS B 205 21.37 -24.22 -4.21
N PRO B 206 22.13 -24.73 -5.22
CA PRO B 206 23.42 -25.33 -4.88
C PRO B 206 24.44 -24.39 -4.27
N LYS B 207 24.24 -23.08 -4.40
CA LYS B 207 25.15 -22.12 -3.81
C LYS B 207 24.60 -21.45 -2.56
N LEU B 208 23.53 -21.97 -1.97
CA LEU B 208 23.09 -21.62 -0.64
C LEU B 208 23.65 -22.60 0.38
N LYS B 209 24.14 -22.06 1.47
CA LYS B 209 24.56 -22.84 2.61
C LYS B 209 23.39 -23.47 3.36
N LYS B 210 23.74 -24.33 4.32
CA LYS B 210 22.72 -24.93 5.17
C LYS B 210 21.95 -23.82 5.89
N GLY B 211 20.62 -23.84 5.82
CA GLY B 211 19.85 -22.76 6.42
C GLY B 211 19.74 -21.52 5.53
N GLY B 212 20.17 -21.64 4.27
CA GLY B 212 20.29 -20.48 3.40
C GLY B 212 18.93 -19.94 3.07
N ILE B 213 18.88 -18.63 2.83
CA ILE B 213 17.60 -17.98 2.51
C ILE B 213 17.81 -17.20 1.23
N PHE B 214 16.90 -17.37 0.27
CA PHE B 214 16.86 -16.55 -0.93
C PHE B 214 15.75 -15.49 -0.69
N VAL B 215 16.02 -14.27 -1.16
CA VAL B 215 14.95 -13.26 -1.25
C VAL B 215 15.10 -12.58 -2.61
N THR B 216 13.98 -12.31 -3.26
CA THR B 216 13.98 -11.51 -4.46
C THR B 216 12.93 -10.42 -4.33
N GLN B 217 13.22 -9.26 -4.93
CA GLN B 217 12.18 -8.35 -5.29
C GLN B 217 11.25 -9.06 -6.30
N ALA B 218 9.97 -8.74 -6.23
CA ALA B 218 8.97 -9.51 -7.00
C ALA B 218 7.89 -8.65 -7.65
N GLY B 219 8.25 -7.41 -7.98
CA GLY B 219 7.46 -6.55 -8.77
C GLY B 219 6.30 -5.93 -8.07
N PRO B 220 5.41 -5.35 -8.87
CA PRO B 220 4.20 -4.80 -8.30
C PRO B 220 3.41 -5.84 -7.53
N ALA B 221 2.81 -5.42 -6.44
CA ALA B 221 2.01 -6.33 -5.61
C ALA B 221 0.64 -5.74 -5.21
N GLY B 222 0.13 -4.90 -6.08
CA GLY B 222 -1.23 -4.36 -5.94
C GLY B 222 -2.34 -5.37 -6.16
N ILE B 223 -3.53 -4.97 -5.71
CA ILE B 223 -4.71 -5.87 -5.75
C ILE B 223 -4.91 -6.47 -7.15
N PHE B 224 -4.72 -5.67 -8.20
CA PHE B 224 -4.69 -6.18 -9.57
C PHE B 224 -3.29 -6.32 -10.18
N SER B 225 -2.40 -5.39 -9.85
CA SER B 225 -1.07 -5.42 -10.50
C SER B 225 -0.22 -6.61 -10.12
N HIS B 226 -0.55 -7.25 -9.00
CA HIS B 226 0.24 -8.40 -8.50
C HIS B 226 0.28 -9.58 -9.49
N THR B 227 -0.69 -9.66 -10.42
CA THR B 227 -0.69 -10.80 -11.32
C THR B 227 0.35 -10.74 -12.43
N GLU B 228 0.95 -9.58 -12.70
CA GLU B 228 1.90 -9.49 -13.83
C GLU B 228 3.14 -10.31 -13.53
N VAL B 229 3.72 -10.15 -12.36
CA VAL B 229 4.91 -10.96 -12.01
C VAL B 229 4.97 -11.50 -10.58
N PHE B 230 4.41 -10.78 -9.61
CA PHE B 230 4.51 -11.21 -8.20
C PHE B 230 3.97 -12.60 -8.00
N SER B 231 2.76 -12.88 -8.50
CA SER B 231 2.24 -14.23 -8.34
C SER B 231 3.04 -15.30 -9.06
N CYS B 232 3.54 -14.98 -10.24
CA CYS B 232 4.42 -15.89 -11.00
C CYS B 232 5.73 -16.22 -10.30
N ILE B 233 6.34 -15.18 -9.75
CA ILE B 233 7.57 -15.36 -8.98
C ILE B 233 7.31 -16.23 -7.74
N TYR B 234 6.25 -15.94 -7.01
CA TYR B 234 5.85 -16.77 -5.91
C TYR B 234 5.68 -18.23 -6.34
N ASN B 235 4.91 -18.46 -7.38
CA ASN B 235 4.66 -19.83 -7.80
C ASN B 235 5.90 -20.55 -8.29
N THR B 236 6.77 -19.83 -8.99
CA THR B 236 8.01 -20.43 -9.48
C THR B 236 8.83 -20.86 -8.28
N LEU B 237 8.98 -19.99 -7.29
CA LEU B 237 9.71 -20.37 -6.08
C LEU B 237 9.07 -21.52 -5.31
N ARG B 238 7.73 -21.62 -5.31
CA ARG B 238 7.01 -22.69 -4.61
C ARG B 238 7.36 -24.06 -5.24
N GLN B 239 7.79 -24.04 -6.49
CA GLN B 239 8.22 -25.31 -7.14
C GLN B 239 9.59 -25.80 -6.71
N VAL B 240 10.38 -24.96 -6.06
CA VAL B 240 11.77 -25.24 -5.78
C VAL B 240 12.06 -25.34 -4.28
N PHE B 241 11.54 -24.42 -3.48
CA PHE B 241 11.84 -24.38 -2.05
C PHE B 241 10.62 -24.77 -1.24
N LYS B 242 10.86 -25.32 -0.05
CA LYS B 242 9.78 -25.77 0.82
C LYS B 242 8.97 -24.67 1.42
N TYR B 243 9.66 -23.64 1.90
CA TYR B 243 9.02 -22.55 2.60
C TYR B 243 9.16 -21.27 1.75
N VAL B 244 8.02 -20.66 1.40
CA VAL B 244 8.03 -19.50 0.52
C VAL B 244 7.09 -18.50 1.11
N VAL B 245 7.59 -17.32 1.42
CA VAL B 245 6.84 -16.27 2.12
C VAL B 245 6.83 -15.00 1.29
N PRO B 246 5.69 -14.69 0.63
CA PRO B 246 5.53 -13.47 -0.13
C PRO B 246 5.09 -12.37 0.82
N TYR B 247 5.59 -11.18 0.54
CA TYR B 247 5.26 -10.02 1.37
C TYR B 247 5.33 -8.75 0.60
N SER B 248 4.66 -7.72 1.08
CA SER B 248 4.52 -6.49 0.31
C SER B 248 4.42 -5.24 1.16
N ALA B 249 4.64 -4.10 0.54
CA ALA B 249 4.58 -2.81 1.24
C ALA B 249 4.44 -1.72 0.24
N HIS B 250 3.74 -0.67 0.63
CA HIS B 250 3.62 0.49 -0.24
C HIS B 250 4.88 1.31 -0.34
N ILE B 251 5.21 1.72 -1.56
CA ILE B 251 6.31 2.63 -1.81
C ILE B 251 5.75 3.85 -2.59
N PRO B 252 5.61 4.98 -1.93
CA PRO B 252 4.86 6.09 -2.51
C PRO B 252 5.37 6.48 -3.88
N SER B 253 6.69 6.52 -4.06
CA SER B 253 7.25 6.96 -5.34
C SER B 253 6.99 5.97 -6.46
N TYR B 254 6.71 4.72 -6.12
CA TYR B 254 6.38 3.69 -7.08
C TYR B 254 4.94 3.68 -7.49
N ALA B 255 4.07 4.45 -6.85
CA ALA B 255 2.61 4.46 -7.04
C ALA B 255 1.98 3.08 -6.97
N ASP B 256 2.54 2.19 -6.14
CA ASP B 256 1.97 0.89 -5.99
C ASP B 256 2.53 0.27 -4.74
N ILE B 257 1.86 -0.80 -4.38
CA ILE B 257 2.37 -1.74 -3.42
C ILE B 257 3.47 -2.50 -4.21
N TRP B 258 4.60 -2.73 -3.60
CA TRP B 258 5.65 -3.55 -4.15
C TRP B 258 5.81 -4.87 -3.37
N GLY B 259 6.34 -5.89 -4.04
CA GLY B 259 6.46 -7.18 -3.41
C GLY B 259 7.87 -7.74 -3.38
N TRP B 260 8.00 -8.69 -2.47
CA TRP B 260 9.22 -9.50 -2.32
C TRP B 260 8.82 -10.87 -1.92
N VAL B 261 9.70 -11.83 -2.16
CA VAL B 261 9.45 -13.19 -1.75
C VAL B 261 10.69 -13.77 -1.09
N LEU B 262 10.52 -14.30 0.14
CA LEU B 262 11.50 -15.16 0.81
C LEU B 262 11.32 -16.62 0.44
N ALA B 263 12.41 -17.33 0.29
CA ALA B 263 12.37 -18.76 0.01
C ALA B 263 13.51 -19.46 0.73
N SER B 264 13.21 -20.61 1.32
CA SER B 264 14.24 -21.37 2.05
C SER B 264 13.78 -22.83 2.17
N ASP B 265 14.73 -23.69 2.39
CA ASP B 265 14.40 -25.07 2.78
C ASP B 265 14.35 -25.26 4.29
N SER B 266 14.66 -24.22 5.06
CA SER B 266 14.46 -24.21 6.47
C SER B 266 13.30 -23.26 6.77
N PRO B 267 12.62 -23.49 7.90
CA PRO B 267 11.41 -22.70 8.17
C PRO B 267 11.61 -21.19 8.25
N LEU B 268 10.55 -20.46 7.91
CA LEU B 268 10.55 -18.98 7.93
C LEU B 268 9.35 -18.53 8.75
N ASP B 269 9.46 -18.59 10.06
CA ASP B 269 8.30 -18.45 10.93
C ASP B 269 8.82 -17.89 12.23
N LEU B 270 8.89 -16.59 12.29
CA LEU B 270 9.27 -15.89 13.48
C LEU B 270 8.19 -14.93 13.83
N SER B 271 8.03 -14.72 15.12
CA SER B 271 7.04 -13.78 15.59
C SER B 271 7.61 -12.36 15.44
N ALA B 272 6.70 -11.40 15.48
CA ALA B 272 7.06 -9.99 15.57
C ALA B 272 8.09 -9.73 16.64
N GLU B 273 7.87 -10.26 17.84
CA GLU B 273 8.78 -9.91 18.91
C GLU B 273 10.15 -10.52 18.74
N GLU B 274 10.22 -11.75 18.24
CA GLU B 274 11.53 -12.37 17.98
C GLU B 274 12.30 -11.61 16.91
N LEU B 275 11.60 -11.18 15.87
CA LEU B 275 12.22 -10.30 14.93
C LEU B 275 12.75 -9.01 15.57
N ASP B 276 11.97 -8.36 16.43
CA ASP B 276 12.47 -7.12 17.08
C ASP B 276 13.72 -7.35 17.93
N ILE B 277 13.73 -8.49 18.58
CA ILE B 277 14.90 -8.87 19.41
C ILE B 277 16.13 -9.03 18.58
N ARG B 278 15.97 -9.72 17.45
CA ARG B 278 17.07 -9.89 16.49
C ARG B 278 17.53 -8.59 15.91
N MET B 279 16.61 -7.67 15.61
CA MET B 279 16.98 -6.36 15.09
C MET B 279 17.80 -5.57 16.08
N ARG B 280 17.35 -5.56 17.33
CA ARG B 280 18.08 -4.90 18.39
C ARG B 280 19.46 -5.52 18.57
N GLN B 281 19.55 -6.83 18.50
CA GLN B 281 20.85 -7.46 18.74
C GLN B 281 21.80 -7.28 17.56
N ARG B 282 21.26 -7.37 16.34
CA ARG B 282 22.10 -7.57 15.16
C ARG B 282 22.30 -6.41 14.23
N ILE B 283 21.34 -5.49 14.20
CA ILE B 283 21.39 -4.42 13.24
C ILE B 283 21.85 -3.14 13.92
N ILE B 284 22.82 -2.49 13.31
CA ILE B 284 23.33 -1.16 13.71
C ILE B 284 22.29 -0.09 13.43
N GLU B 285 22.00 0.74 14.43
CA GLU B 285 20.94 1.78 14.35
C GLU B 285 19.52 1.21 14.16
N GLU B 286 18.54 2.08 14.34
CA GLU B 286 17.14 1.72 14.26
C GLU B 286 16.73 1.71 12.81
N ASN B 287 15.99 0.69 12.41
CA ASN B 287 15.30 0.73 11.11
C ASN B 287 14.27 1.85 11.10
N ARG B 288 14.09 2.43 9.92
CA ARG B 288 13.15 3.53 9.70
C ARG B 288 11.76 2.97 9.35
N TYR B 289 11.71 1.86 8.63
CA TYR B 289 10.43 1.33 8.13
C TYR B 289 10.02 0.09 8.91
N LEU B 290 10.94 -0.84 9.10
CA LEU B 290 10.60 -2.19 9.44
C LEU B 290 10.82 -2.48 10.94
N ASP B 291 9.76 -2.85 11.66
CA ASP B 291 9.83 -3.57 12.92
C ASP B 291 9.14 -4.91 12.70
N GLY B 292 9.08 -5.75 13.75
CA GLY B 292 8.50 -7.06 13.59
C GLY B 292 7.05 -7.05 13.22
N LYS B 293 6.28 -6.16 13.84
CA LYS B 293 4.86 -6.05 13.51
C LYS B 293 4.65 -5.68 12.05
N THR B 294 5.51 -4.80 11.56
CA THR B 294 5.45 -4.39 10.16
C THR B 294 5.66 -5.57 9.23
N PHE B 295 6.66 -6.41 9.54
CA PHE B 295 6.88 -7.58 8.71
C PHE B 295 5.71 -8.55 8.74
N VAL B 296 5.15 -8.79 9.91
CA VAL B 296 4.01 -9.70 10.02
C VAL B 296 2.84 -9.16 9.23
N SER B 297 2.61 -7.86 9.29
CA SER B 297 1.54 -7.18 8.50
C SER B 297 1.83 -7.33 6.98
N SER B 298 3.07 -7.06 6.60
CA SER B 298 3.51 -7.19 5.19
C SER B 298 3.31 -8.57 4.64
N SER B 299 3.53 -9.57 5.48
CA SER B 299 3.43 -10.96 5.06
C SER B 299 2.02 -11.56 5.16
N THR B 300 1.06 -10.74 5.55
CA THR B 300 -0.34 -11.14 5.57
C THR B 300 -0.93 -10.43 4.38
N LEU B 301 -1.11 -11.13 3.31
CA LEU B 301 -1.60 -10.51 2.08
C LEU B 301 -3.12 -10.43 2.20
N SER B 302 -3.77 -9.64 1.36
CA SER B 302 -5.24 -9.52 1.42
C SER B 302 -5.89 -10.75 0.84
N LYS B 303 -7.20 -10.90 1.07
CA LYS B 303 -7.93 -12.09 0.63
C LYS B 303 -7.71 -12.43 -0.83
N ALA B 304 -7.90 -11.44 -1.70
CA ALA B 304 -7.83 -11.65 -3.14
C ALA B 304 -6.42 -12.02 -3.60
N VAL B 305 -5.43 -11.35 -3.01
CA VAL B 305 -4.03 -11.58 -3.41
C VAL B 305 -3.59 -12.93 -2.90
N ARG B 306 -3.92 -13.26 -1.66
CA ARG B 306 -3.64 -14.60 -1.12
C ARG B 306 -4.21 -15.70 -2.03
N ASN B 307 -5.45 -15.56 -2.43
CA ASN B 307 -6.08 -16.61 -3.23
C ASN B 307 -5.50 -16.68 -4.64
N SER B 308 -5.20 -15.51 -5.20
CA SER B 308 -4.58 -15.41 -6.52
C SER B 308 -3.21 -16.09 -6.53
N LEU B 309 -2.41 -15.83 -5.50
CA LEU B 309 -1.11 -16.53 -5.35
C LEU B 309 -1.26 -18.04 -5.22
N ASN B 310 -2.19 -18.46 -4.36
CA ASN B 310 -2.49 -19.87 -4.18
C ASN B 310 -2.82 -20.60 -5.46
N ASN B 311 -3.62 -19.97 -6.32
CA ASN B 311 -4.13 -20.61 -7.54
C ASN B 311 -3.25 -20.42 -8.79
N GLU B 312 -2.17 -19.64 -8.65
CA GLU B 312 -1.30 -19.34 -9.76
C GLU B 312 -0.67 -20.61 -10.28
N THR B 313 -0.74 -20.82 -11.58
CA THR B 313 -0.05 -21.95 -12.24
C THR B 313 1.13 -21.57 -13.12
N HIS B 314 1.37 -20.29 -13.39
CA HIS B 314 2.49 -19.90 -14.27
C HIS B 314 3.82 -20.21 -13.57
N VAL B 315 4.74 -20.82 -14.33
CA VAL B 315 6.10 -21.04 -13.85
C VAL B 315 7.07 -20.50 -14.89
N TYR B 316 8.03 -19.69 -14.44
CA TYR B 316 9.07 -19.20 -15.33
C TYR B 316 10.03 -20.34 -15.67
N THR B 317 10.26 -20.56 -16.95
CA THR B 317 11.05 -21.74 -17.39
C THR B 317 12.14 -21.42 -18.39
N GLU B 318 13.14 -22.34 -18.34
CA GLU B 318 14.62 -22.30 -18.71
C GLU B 318 15.52 -21.25 -18.05
CL CL C . -23.89 5.77 0.36
N1 TER D . -19.55 12.65 0.49
C2 TER D . -18.73 11.60 -0.11
C3 TER D . -17.29 11.80 0.33
C4 TER D . -16.46 10.61 -0.09
N5 TER D . -15.20 10.50 0.58
C6 TER D . -14.21 9.64 -0.03
C7 TER D . -12.81 9.82 0.53
C8 TER D . -11.81 9.25 -0.48
N9 TER D . -11.14 10.26 -1.27
C10 TER D . -10.21 9.78 -2.27
C11 TER D . -9.30 10.83 -2.85
C12 TER D . -8.18 10.11 -3.59
C13 TER D . -7.41 11.02 -4.49
N14 TER D . -8.19 11.14 -5.70
CL CL E . 23.61 -2.66 -3.79
N1 TER F . 18.56 -2.95 -11.63
C2 TER F . 18.54 -2.74 -10.20
C3 TER F . 17.30 -3.39 -9.60
C4 TER F . 16.02 -2.70 -9.98
N5 TER F . 14.92 -3.19 -9.18
C6 TER F . 14.08 -2.26 -8.44
C7 TER F . 12.63 -2.73 -8.41
C8 TER F . 11.73 -1.54 -8.15
N9 TER F . 11.35 -0.87 -9.37
C10 TER F . 10.51 0.31 -9.26
C11 TER F . 9.62 0.56 -10.46
C12 TER F . 8.58 1.60 -10.05
C13 TER F . 7.83 2.20 -11.23
N14 TER F . 7.52 1.21 -12.22
#